data_5POK
#
_entry.id   5POK
#
_cell.length_a   55.393
_cell.length_b   56.565
_cell.length_c   101.696
_cell.angle_alpha   90.000
_cell.angle_beta   90.000
_cell.angle_gamma   90.000
#
_symmetry.space_group_name_H-M   'P 21 21 21'
#
loop_
_entity.id
_entity.type
_entity.pdbx_description
1 polymer 'Bromodomain-containing protein 1'
2 non-polymer 1,2-ETHANEDIOL
3 non-polymer 1-(4-phenylpiperazin-1-yl)ethan-1-one
4 non-polymer 'SODIUM ION'
5 water water
#
_entity_poly.entity_id   1
_entity_poly.type   'polypeptide(L)'
_entity_poly.pdbx_seq_one_letter_code
;MHHHHHHSSGVDLGTENLYFQSMEQVAMELRLTELTRLLRSVLDQLQDKDPARIFAQPVSLKEVPDYLDHIKHPMDFATM
RKRLEAQGYKNLHEFEEDFDLIIDNCMKYNARDTVFYRAAVRLRDQGGVVLRQARREVDSIGLEEASGMHLPERPA
;
_entity_poly.pdbx_strand_id   A,B
#
# COMPACT_ATOMS: atom_id res chain seq x y z
N SER A 22 -34.12 -13.29 -2.08
CA SER A 22 -34.43 -13.51 -0.66
C SER A 22 -34.49 -12.19 0.08
N MET A 23 -35.08 -12.20 1.27
CA MET A 23 -35.10 -11.02 2.12
CA MET A 23 -35.12 -11.00 2.10
C MET A 23 -33.70 -10.67 2.60
N GLU A 24 -32.91 -11.70 2.86
CA GLU A 24 -31.56 -11.47 3.37
C GLU A 24 -30.73 -10.71 2.33
N GLN A 25 -30.85 -11.11 1.07
CA GLN A 25 -30.09 -10.47 0.02
C GLN A 25 -30.47 -9.00 -0.10
N VAL A 26 -31.77 -8.71 0.00
CA VAL A 26 -32.24 -7.33 0.02
C VAL A 26 -31.67 -6.55 1.20
N ALA A 27 -31.65 -7.18 2.38
CA ALA A 27 -31.14 -6.54 3.58
C ALA A 27 -29.68 -6.16 3.39
N MET A 28 -28.91 -7.10 2.84
CA MET A 28 -27.50 -6.89 2.52
C MET A 28 -27.31 -5.70 1.59
N GLU A 29 -28.17 -5.63 0.58
CA GLU A 29 -28.08 -4.57 -0.42
C GLU A 29 -28.48 -3.22 0.17
N LEU A 30 -29.34 -3.23 1.17
CA LEU A 30 -29.68 -2.00 1.87
C LEU A 30 -28.47 -1.50 2.65
N ARG A 31 -27.78 -2.44 3.30
CA ARG A 31 -26.56 -2.14 4.05
C ARG A 31 -25.51 -1.55 3.13
N LEU A 32 -25.26 -2.22 2.02
CA LEU A 32 -24.30 -1.75 1.01
C LEU A 32 -24.67 -0.37 0.46
N THR A 33 -25.96 -0.16 0.20
CA THR A 33 -26.44 1.13 -0.28
C THR A 33 -26.19 2.19 0.78
N GLU A 34 -26.39 1.84 2.05
CA GLU A 34 -26.17 2.79 3.12
C GLU A 34 -24.68 3.06 3.31
N LEU A 35 -23.86 2.03 3.14
CA LEU A 35 -22.42 2.21 3.17
C LEU A 35 -22.01 3.19 2.06
N THR A 36 -22.58 2.97 0.87
CA THR A 36 -22.27 3.81 -0.28
C THR A 36 -22.63 5.26 0.00
N ARG A 37 -23.75 5.47 0.70
N ARG A 37 -23.75 5.46 0.70
CA ARG A 37 -24.17 6.82 1.06
CA ARG A 37 -24.19 6.81 1.05
C ARG A 37 -23.16 7.45 2.01
C ARG A 37 -23.18 7.50 1.96
N LEU A 38 -22.68 6.66 2.96
N LEU A 38 -22.67 6.77 2.94
CA LEU A 38 -21.71 7.14 3.93
CA LEU A 38 -21.70 7.31 3.88
C LEU A 38 -20.38 7.43 3.24
C LEU A 38 -20.39 7.65 3.17
N LEU A 39 -19.92 6.48 2.42
N LEU A 39 -20.05 6.86 2.15
CA LEU A 39 -18.65 6.64 1.72
CA LEU A 39 -18.79 7.03 1.46
C LEU A 39 -18.67 7.84 0.76
C LEU A 39 -18.86 8.10 0.37
N ARG A 40 -19.83 8.12 0.18
N ARG A 40 -20.05 8.35 -0.16
CA ARG A 40 -19.96 9.28 -0.69
CA ARG A 40 -20.20 9.38 -1.18
C ARG A 40 -19.76 10.57 0.11
C ARG A 40 -19.96 10.76 -0.57
N SER A 41 -20.28 10.59 1.34
N SER A 41 -20.40 10.94 0.68
CA SER A 41 -20.10 11.74 2.22
CA SER A 41 -20.19 12.19 1.39
C SER A 41 -18.63 11.87 2.64
C SER A 41 -18.71 12.40 1.68
N VAL A 42 -18.03 10.74 2.99
N VAL A 42 -18.05 11.33 2.12
CA VAL A 42 -16.61 10.69 3.31
CA VAL A 42 -16.63 11.36 2.41
C VAL A 42 -15.76 11.17 2.13
C VAL A 42 -15.85 11.77 1.18
N LEU A 43 -16.07 10.70 0.93
N LEU A 43 -16.13 11.11 0.06
CA LEU A 43 -15.31 11.08 -0.25
CA LEU A 43 -15.43 11.39 -1.20
C LEU A 43 -15.40 12.59 -0.52
C LEU A 43 -15.72 12.79 -1.70
N ASP A 44 -16.59 13.16 -0.35
N ASP A 44 -16.95 13.26 -1.49
CA ASP A 44 -16.78 14.59 -0.57
CA ASP A 44 -17.28 14.64 -1.81
C ASP A 44 -15.97 15.41 0.41
C ASP A 44 -16.51 15.58 -0.89
N GLN A 45 -15.92 14.95 1.65
N GLN A 45 -16.37 15.20 0.38
CA GLN A 45 -15.14 15.63 2.70
CA GLN A 45 -15.60 15.98 1.32
C GLN A 45 -13.64 15.56 2.40
C GLN A 45 -14.14 15.97 0.94
N LEU A 46 -13.19 14.42 1.90
N LEU A 46 -13.63 14.79 0.61
CA LEU A 46 -11.77 14.28 1.56
CA LEU A 46 -12.23 14.64 0.19
C LEU A 46 -11.38 15.14 0.36
C LEU A 46 -11.91 15.47 -1.05
N GLN A 47 -12.26 15.21 -0.63
N GLN A 47 -12.82 15.49 -2.01
CA GLN A 47 -11.91 15.97 -1.82
CA GLN A 47 -12.61 16.26 -3.24
C GLN A 47 -11.88 17.47 -1.52
C GLN A 47 -12.67 17.76 -2.97
N ASP A 48 -12.61 17.88 -0.49
N ASP A 48 -13.47 18.17 -2.00
CA ASP A 48 -12.61 19.28 -0.07
CA ASP A 48 -13.55 19.58 -1.64
C ASP A 48 -11.23 19.67 0.50
C ASP A 48 -12.24 20.06 -1.01
N LYS A 49 -10.46 18.68 0.93
N LYS A 49 -11.44 19.12 -0.54
CA LYS A 49 -9.11 18.91 1.45
CA LYS A 49 -10.15 19.44 0.06
C LYS A 49 -8.07 18.93 0.34
C LYS A 49 -9.06 19.58 -1.01
N ASP A 50 -8.55 18.87 -0.90
N ASP A 50 -9.42 19.36 -2.28
CA ASP A 50 -7.72 19.01 -2.09
CA ASP A 50 -8.50 19.46 -3.39
C ASP A 50 -8.21 20.18 -2.93
C ASP A 50 -9.02 20.44 -4.45
N PRO A 51 -8.12 21.41 -2.38
N PRO A 51 -9.13 21.73 -4.09
CA PRO A 51 -8.73 22.53 -3.09
CA PRO A 51 -9.75 22.71 -4.99
C PRO A 51 -8.04 22.82 -4.43
C PRO A 51 -8.96 22.96 -6.26
N ALA A 52 -6.77 22.45 -4.56
N ALA A 52 -7.69 22.55 -6.28
CA ALA A 52 -6.04 22.67 -5.80
CA ALA A 52 -6.86 22.69 -7.47
C ALA A 52 -6.41 21.65 -6.89
C ALA A 52 -7.12 21.56 -8.45
N ARG A 53 -7.21 20.65 -6.51
N ARG A 53 -7.87 20.55 -7.98
CA ARG A 53 -7.67 19.59 -7.41
CA ARG A 53 -8.31 19.41 -8.79
C ARG A 53 -6.53 18.83 -8.08
C ARG A 53 -7.17 18.53 -9.29
N ILE A 54 -5.44 18.69 -7.35
N ILE A 54 -6.04 18.55 -8.62
CA ILE A 54 -4.30 17.94 -7.82
CA ILE A 54 -4.88 17.81 -9.12
C ILE A 54 -4.62 16.45 -7.94
C ILE A 54 -5.01 16.30 -8.90
N PHE A 55 -5.56 15.97 -7.12
N PHE A 55 -5.92 15.90 -8.01
CA PHE A 55 -5.85 14.54 -7.13
CA PHE A 55 -6.18 14.49 -7.78
C PHE A 55 -7.22 14.21 -7.73
C PHE A 55 -7.55 14.10 -8.35
N ALA A 56 -7.79 15.18 -8.43
N ALA A 56 -8.25 15.09 -8.90
CA ALA A 56 -9.12 15.03 -9.00
CA ALA A 56 -9.59 14.91 -9.43
C ALA A 56 -9.24 14.00 -10.11
C ALA A 56 -9.63 13.94 -10.59
N GLN A 57 -8.22 13.87 -10.97
N GLN A 57 -8.55 13.88 -11.36
CA GLN A 57 -8.29 13.06 -12.20
CA GLN A 57 -8.50 13.00 -12.51
C GLN A 57 -7.07 12.13 -12.37
C GLN A 57 -7.20 12.19 -12.49
N PRO A 58 -7.18 11.06 -13.20
CA PRO A 58 -5.98 10.24 -13.38
C PRO A 58 -4.81 11.05 -13.92
N VAL A 59 -3.61 10.75 -13.47
CA VAL A 59 -2.43 11.35 -14.08
C VAL A 59 -2.44 10.99 -15.57
N SER A 60 -2.33 12.03 -16.41
CA SER A 60 -2.34 11.88 -17.85
C SER A 60 -1.11 11.17 -18.41
N LEU A 61 -1.33 10.09 -19.14
CA LEU A 61 -0.22 9.36 -19.72
C LEU A 61 0.27 10.08 -20.98
N LYS A 62 -0.46 11.09 -21.42
CA LYS A 62 0.03 11.97 -22.48
C LYS A 62 0.98 13.00 -21.89
N GLU A 63 0.66 13.50 -20.70
CA GLU A 63 1.49 14.51 -20.05
C GLU A 63 2.63 13.88 -19.25
N VAL A 64 2.45 12.65 -18.79
CA VAL A 64 3.52 11.94 -18.08
C VAL A 64 3.65 10.53 -18.65
N PRO A 65 4.32 10.42 -19.80
CA PRO A 65 4.37 9.17 -20.59
C PRO A 65 4.98 7.99 -19.83
N ASP A 66 5.87 8.23 -18.87
CA ASP A 66 6.55 7.14 -18.18
C ASP A 66 5.90 6.80 -16.84
N TYR A 67 4.73 7.37 -16.58
CA TYR A 67 4.12 7.27 -15.24
C TYR A 67 4.01 5.81 -14.77
N LEU A 68 3.57 4.94 -15.67
CA LEU A 68 3.30 3.55 -15.31
C LEU A 68 4.57 2.73 -15.08
N ASP A 69 5.72 3.24 -15.50
CA ASP A 69 7.00 2.63 -15.14
C ASP A 69 7.28 2.84 -13.67
N HIS A 70 6.71 3.92 -13.11
CA HIS A 70 6.99 4.30 -11.72
C HIS A 70 5.92 3.79 -10.76
N ILE A 71 4.67 3.95 -11.16
CA ILE A 71 3.51 3.71 -10.31
C ILE A 71 2.66 2.59 -10.91
N LYS A 72 2.55 1.49 -10.18
CA LYS A 72 1.90 0.30 -10.72
C LYS A 72 0.38 0.26 -10.54
N HIS A 73 -0.12 1.04 -9.58
CA HIS A 73 -1.56 1.10 -9.34
C HIS A 73 -2.02 2.54 -9.18
N PRO A 74 -2.21 3.23 -10.30
CA PRO A 74 -2.66 4.63 -10.24
C PRO A 74 -4.03 4.75 -9.60
N MET A 75 -4.27 5.89 -8.97
CA MET A 75 -5.58 6.15 -8.41
C MET A 75 -5.84 7.65 -8.37
N ASP A 76 -7.11 8.01 -8.32
CA ASP A 76 -7.52 9.41 -8.29
C ASP A 76 -8.96 9.48 -7.82
N PHE A 77 -9.44 10.67 -7.49
CA PHE A 77 -10.80 10.82 -6.97
C PHE A 77 -11.90 10.45 -7.99
N ALA A 78 -11.70 10.72 -9.27
CA ALA A 78 -12.74 10.38 -10.26
C ALA A 78 -12.88 8.88 -10.41
N THR A 79 -11.77 8.18 -10.42
CA THR A 79 -11.79 6.73 -10.50
C THR A 79 -12.48 6.14 -9.26
N MET A 80 -12.19 6.70 -8.08
CA MET A 80 -12.88 6.26 -6.86
C MET A 80 -14.38 6.45 -6.94
N ARG A 81 -14.80 7.61 -7.46
CA ARG A 81 -16.22 7.93 -7.57
C ARG A 81 -16.93 6.94 -8.50
N LYS A 82 -16.25 6.56 -9.58
CA LYS A 82 -16.82 5.57 -10.49
C LYS A 82 -17.07 4.25 -9.78
N ARG A 83 -16.07 3.78 -9.04
CA ARG A 83 -16.21 2.53 -8.29
C ARG A 83 -17.28 2.65 -7.21
N LEU A 84 -17.32 3.82 -6.56
CA LEU A 84 -18.31 4.08 -5.52
C LEU A 84 -19.75 3.97 -6.00
N GLU A 85 -20.03 4.53 -7.17
CA GLU A 85 -21.41 4.58 -7.67
C GLU A 85 -21.84 3.26 -8.25
N ALA A 86 -20.88 2.39 -8.52
CA ALA A 86 -21.17 1.02 -8.90
C ALA A 86 -21.28 0.14 -7.66
N GLN A 87 -21.32 0.79 -6.50
CA GLN A 87 -21.28 0.12 -5.18
C GLN A 87 -20.16 -0.91 -5.10
N GLY A 88 -18.97 -0.50 -5.55
CA GLY A 88 -17.84 -1.40 -5.60
C GLY A 88 -16.96 -1.38 -4.36
N TYR A 89 -17.33 -0.60 -3.36
CA TYR A 89 -16.63 -0.67 -2.07
C TYR A 89 -17.48 -1.45 -1.06
N LYS A 90 -17.01 -2.64 -0.68
CA LYS A 90 -17.78 -3.52 0.20
C LYS A 90 -17.64 -3.15 1.67
N ASN A 91 -16.57 -2.43 1.98
CA ASN A 91 -16.26 -2.03 3.35
C ASN A 91 -15.36 -0.81 3.33
N LEU A 92 -15.21 -0.15 4.46
CA LEU A 92 -14.39 1.07 4.55
C LEU A 92 -12.92 0.81 4.23
N HIS A 93 -12.43 -0.36 4.60
CA HIS A 93 -11.04 -0.69 4.35
C HIS A 93 -10.70 -0.59 2.85
N GLU A 94 -11.59 -1.09 2.00
CA GLU A 94 -11.36 -1.06 0.55
C GLU A 94 -11.27 0.38 0.03
N PHE A 95 -12.14 1.23 0.57
CA PHE A 95 -12.18 2.65 0.23
C PHE A 95 -10.89 3.34 0.70
N GLU A 96 -10.50 3.08 1.94
CA GLU A 96 -9.26 3.64 2.48
C GLU A 96 -8.02 3.21 1.69
N GLU A 97 -8.00 1.97 1.24
N GLU A 97 -8.00 1.98 1.21
CA GLU A 97 -6.88 1.50 0.42
CA GLU A 97 -6.84 1.50 0.44
C GLU A 97 -6.69 2.36 -0.82
C GLU A 97 -6.69 2.27 -0.88
N ASP A 98 -7.79 2.72 -1.46
CA ASP A 98 -7.74 3.53 -2.69
C ASP A 98 -7.30 4.96 -2.35
N PHE A 99 -7.81 5.52 -1.25
CA PHE A 99 -7.43 6.87 -0.84
C PHE A 99 -5.94 6.90 -0.56
N ASP A 100 -5.46 5.88 0.16
CA ASP A 100 -4.04 5.78 0.46
C ASP A 100 -3.20 5.69 -0.82
N LEU A 101 -3.71 5.03 -1.85
CA LEU A 101 -2.98 4.94 -3.11
C LEU A 101 -2.79 6.33 -3.72
N ILE A 102 -3.82 7.16 -3.65
CA ILE A 102 -3.70 8.51 -4.19
C ILE A 102 -2.51 9.24 -3.56
N ILE A 103 -2.44 9.19 -2.22
CA ILE A 103 -1.40 9.87 -1.46
CA ILE A 103 -1.40 9.88 -1.47
C ILE A 103 -0.04 9.24 -1.67
N ASP A 104 0.01 7.93 -1.50
CA ASP A 104 1.28 7.25 -1.55
C ASP A 104 1.92 7.30 -2.93
N ASN A 105 1.13 7.16 -3.98
CA ASN A 105 1.67 7.27 -5.34
C ASN A 105 2.32 8.62 -5.53
N CYS A 106 1.61 9.65 -5.07
CA CYS A 106 2.09 11.02 -5.23
C CYS A 106 3.40 11.28 -4.49
N MET A 107 3.50 10.73 -3.29
CA MET A 107 4.67 10.97 -2.47
C MET A 107 5.86 10.17 -2.97
N LYS A 108 5.65 9.21 -3.86
CA LYS A 108 6.76 8.48 -4.47
CA LYS A 108 6.77 8.48 -4.45
C LYS A 108 7.21 9.16 -5.75
N TYR A 109 6.25 9.45 -6.63
CA TYR A 109 6.61 10.01 -7.92
C TYR A 109 7.23 11.39 -7.81
N ASN A 110 6.73 12.17 -6.87
CA ASN A 110 7.14 13.56 -6.74
C ASN A 110 8.07 13.75 -5.57
N ALA A 111 9.05 14.62 -5.74
CA ALA A 111 10.02 14.86 -4.70
C ALA A 111 9.41 15.67 -3.58
N ARG A 112 10.04 15.54 -2.42
CA ARG A 112 9.62 16.19 -1.20
C ARG A 112 9.40 17.70 -1.32
N ASP A 113 10.19 18.37 -2.15
CA ASP A 113 10.10 19.82 -2.28
C ASP A 113 9.21 20.30 -3.43
N THR A 114 8.17 19.53 -3.76
CA THR A 114 7.28 19.92 -4.83
C THR A 114 5.92 20.25 -4.28
N VAL A 115 5.18 21.08 -5.02
CA VAL A 115 3.81 21.40 -4.64
C VAL A 115 2.93 20.15 -4.63
N PHE A 116 3.25 19.18 -5.51
CA PHE A 116 2.50 17.92 -5.54
C PHE A 116 2.68 17.08 -4.27
N TYR A 117 3.93 16.91 -3.85
CA TYR A 117 4.19 16.10 -2.65
C TYR A 117 3.54 16.77 -1.45
N ARG A 118 3.69 18.09 -1.35
CA ARG A 118 3.19 18.80 -0.18
C ARG A 118 1.67 18.75 -0.14
N ALA A 119 1.04 18.75 -1.31
CA ALA A 119 -0.41 18.64 -1.38
C ALA A 119 -0.90 17.28 -0.88
N ALA A 120 -0.16 16.23 -1.21
CA ALA A 120 -0.50 14.90 -0.71
C ALA A 120 -0.36 14.83 0.82
N VAL A 121 0.71 15.43 1.36
CA VAL A 121 0.90 15.43 2.81
C VAL A 121 -0.26 16.11 3.52
N ARG A 122 -0.67 17.27 3.00
CA ARG A 122 -1.77 18.02 3.60
C ARG A 122 -3.09 17.25 3.51
N LEU A 123 -3.34 16.61 2.36
CA LEU A 123 -4.54 15.80 2.18
C LEU A 123 -4.57 14.59 3.12
N ARG A 124 -3.42 13.95 3.31
CA ARG A 124 -3.28 12.83 4.24
CA ARG A 124 -3.33 12.83 4.24
C ARG A 124 -3.60 13.26 5.68
N ASP A 125 -2.98 14.34 6.12
CA ASP A 125 -3.16 14.81 7.50
C ASP A 125 -4.60 15.21 7.77
N GLN A 126 -5.16 16.02 6.89
CA GLN A 126 -6.54 16.48 7.03
C GLN A 126 -7.56 15.37 6.83
N GLY A 127 -7.25 14.45 5.93
CA GLY A 127 -8.16 13.36 5.63
C GLY A 127 -8.28 12.41 6.80
N GLY A 128 -7.20 12.31 7.58
CA GLY A 128 -7.15 11.39 8.70
C GLY A 128 -8.25 11.65 9.71
N VAL A 129 -8.61 12.93 9.88
CA VAL A 129 -9.67 13.32 10.80
C VAL A 129 -11.00 12.73 10.36
N VAL A 130 -11.29 12.88 9.07
CA VAL A 130 -12.54 12.41 8.49
C VAL A 130 -12.65 10.89 8.55
N LEU A 131 -11.55 10.21 8.22
CA LEU A 131 -11.53 8.76 8.21
C LEU A 131 -11.63 8.16 9.61
N ARG A 132 -11.11 8.88 10.61
CA ARG A 132 -11.20 8.44 11.98
C ARG A 132 -12.65 8.33 12.44
N GLN A 133 -13.46 9.34 12.11
CA GLN A 133 -14.85 9.34 12.53
C GLN A 133 -15.69 8.41 11.66
N ALA A 134 -15.34 8.32 10.38
CA ALA A 134 -16.02 7.41 9.46
C ALA A 134 -15.93 5.97 9.96
N ARG A 135 -14.76 5.59 10.45
CA ARG A 135 -14.58 4.25 10.98
C ARG A 135 -15.50 4.02 12.16
N ARG A 136 -15.63 5.03 13.02
CA ARG A 136 -16.54 4.93 14.16
C ARG A 136 -17.99 4.81 13.70
N GLU A 137 -18.37 5.55 12.66
CA GLU A 137 -19.75 5.53 12.16
C GLU A 137 -20.11 4.21 11.50
N VAL A 138 -19.17 3.66 10.74
CA VAL A 138 -19.37 2.37 10.08
C VAL A 138 -19.50 1.26 11.11
N ASP A 139 -18.65 1.32 12.13
CA ASP A 139 -18.72 0.39 13.26
C ASP A 139 -20.02 0.53 14.03
N SER A 140 -20.40 1.77 14.31
CA SER A 140 -21.57 2.05 15.14
C SER A 140 -22.86 1.63 14.45
N ILE A 141 -23.09 2.14 13.24
CA ILE A 141 -24.30 1.83 12.50
C ILE A 141 -24.27 0.41 11.93
N GLY A 142 -23.13 -0.26 12.10
CA GLY A 142 -22.96 -1.64 11.68
C GLY A 142 -23.22 -1.84 10.19
N LEU A 143 -22.32 -1.32 9.37
CA LEU A 143 -22.50 -1.37 7.92
C LEU A 143 -21.67 -2.46 7.27
N GLU A 144 -21.06 -3.32 8.10
CA GLU A 144 -20.24 -4.42 7.59
C GLU A 144 -20.59 -5.74 8.29
N SER B 22 -0.90 -35.74 17.85
N SER B 22 0.15 -35.90 17.64
CA SER B 22 -1.82 -35.89 16.73
CA SER B 22 -0.98 -36.07 16.75
C SER B 22 -1.10 -35.63 15.41
C SER B 22 -0.61 -35.72 15.30
N MET B 23 -1.65 -36.17 14.33
N MET B 23 -1.40 -36.22 14.34
CA MET B 23 -1.10 -35.93 13.00
CA MET B 23 -1.15 -35.89 12.94
C MET B 23 -1.40 -34.50 12.56
C MET B 23 -1.40 -34.42 12.67
N GLU B 24 -2.33 -33.86 13.25
N GLU B 24 -2.37 -33.85 13.38
CA GLU B 24 -2.62 -32.45 13.01
CA GLU B 24 -2.73 -32.46 13.21
C GLU B 24 -1.47 -31.56 13.48
C GLU B 24 -1.58 -31.55 13.61
N GLN B 25 -0.88 -31.93 14.62
N GLN B 25 -0.89 -31.90 14.70
CA GLN B 25 0.30 -31.22 15.13
CA GLN B 25 0.28 -31.15 15.14
C GLN B 25 1.45 -31.39 14.16
C GLN B 25 1.43 -31.35 14.18
N VAL B 26 1.62 -32.61 13.67
N VAL B 26 1.59 -32.58 13.71
CA VAL B 26 2.69 -32.91 12.74
CA VAL B 26 2.67 -32.89 12.77
C VAL B 26 2.52 -32.11 11.45
C VAL B 26 2.50 -32.06 11.50
N ALA B 27 1.29 -32.04 10.95
CA ALA B 27 1.03 -31.30 9.74
C ALA B 27 1.29 -29.80 9.92
N MET B 28 0.95 -29.27 11.09
CA MET B 28 1.15 -27.85 11.36
C MET B 28 2.63 -27.51 11.42
N GLU B 29 3.39 -28.36 12.12
CA GLU B 29 4.82 -28.13 12.21
C GLU B 29 5.48 -28.28 10.84
N LEU B 30 5.00 -29.19 10.01
CA LEU B 30 5.54 -29.31 8.66
C LEU B 30 5.25 -28.05 7.83
N ARG B 31 4.04 -27.51 7.93
CA ARG B 31 3.72 -26.32 7.15
C ARG B 31 4.58 -25.15 7.61
N LEU B 32 4.82 -25.07 8.91
CA LEU B 32 5.72 -24.06 9.47
C LEU B 32 7.13 -24.17 8.91
N THR B 33 7.70 -25.37 8.93
CA THR B 33 9.09 -25.47 8.53
C THR B 33 9.26 -25.31 7.01
N GLU B 34 8.25 -25.72 6.24
CA GLU B 34 8.32 -25.57 4.80
C GLU B 34 8.15 -24.12 4.38
N LEU B 35 7.30 -23.40 5.10
CA LEU B 35 7.14 -21.96 4.86
C LEU B 35 8.47 -21.25 5.13
N THR B 36 9.13 -21.63 6.23
CA THR B 36 10.38 -20.99 6.57
C THR B 36 11.45 -21.28 5.52
N ARG B 37 11.50 -22.52 5.03
CA ARG B 37 12.42 -22.89 3.96
CA ARG B 37 12.43 -22.88 3.98
C ARG B 37 12.21 -22.03 2.73
N LEU B 38 10.95 -21.88 2.35
CA LEU B 38 10.59 -21.08 1.18
C LEU B 38 10.99 -19.61 1.38
N LEU B 39 10.61 -19.01 2.51
CA LEU B 39 10.89 -17.59 2.71
C LEU B 39 12.39 -17.34 2.78
N ARG B 40 13.14 -18.29 3.33
CA ARG B 40 14.59 -18.12 3.41
C ARG B 40 15.18 -18.08 2.00
N SER B 41 14.69 -18.96 1.14
CA SER B 41 15.15 -18.97 -0.26
C SER B 41 14.76 -17.68 -0.98
N VAL B 42 13.52 -17.23 -0.77
CA VAL B 42 13.07 -15.96 -1.35
C VAL B 42 13.93 -14.79 -0.87
N LEU B 43 14.19 -14.70 0.44
CA LEU B 43 15.00 -13.59 0.95
C LEU B 43 16.43 -13.62 0.38
N ASP B 44 17.03 -14.80 0.28
N ASP B 44 17.01 -14.82 0.25
CA ASP B 44 18.34 -14.91 -0.33
CA ASP B 44 18.32 -14.97 -0.35
C ASP B 44 18.32 -14.47 -1.80
C ASP B 44 18.30 -14.44 -1.78
N GLN B 45 17.28 -14.84 -2.55
CA GLN B 45 17.16 -14.41 -3.95
C GLN B 45 17.02 -12.90 -4.06
N LEU B 46 16.26 -12.31 -3.15
CA LEU B 46 16.09 -10.86 -3.17
C LEU B 46 17.41 -10.16 -2.82
N GLN B 47 18.05 -10.56 -1.72
CA GLN B 47 19.31 -9.91 -1.33
C GLN B 47 20.43 -10.08 -2.34
N ASP B 48 20.46 -11.22 -3.04
CA ASP B 48 21.50 -11.45 -4.02
CA ASP B 48 21.47 -11.49 -4.05
C ASP B 48 21.42 -10.45 -5.17
N LYS B 49 20.26 -9.81 -5.32
CA LYS B 49 20.10 -8.81 -6.37
C LYS B 49 20.48 -7.42 -5.90
N ASP B 50 20.97 -7.32 -4.66
CA ASP B 50 21.41 -6.04 -4.10
C ASP B 50 22.88 -6.11 -3.68
N PRO B 51 23.79 -6.33 -4.66
CA PRO B 51 25.20 -6.47 -4.25
C PRO B 51 25.81 -5.18 -3.70
N ALA B 52 25.22 -4.03 -3.99
CA ALA B 52 25.71 -2.78 -3.44
C ALA B 52 25.28 -2.61 -1.98
N ARG B 53 24.45 -3.54 -1.50
CA ARG B 53 23.97 -3.54 -0.12
CA ARG B 53 23.97 -3.54 -0.12
C ARG B 53 23.21 -2.27 0.25
N ILE B 54 22.49 -1.72 -0.72
CA ILE B 54 21.69 -0.52 -0.47
C ILE B 54 20.58 -0.76 0.56
N PHE B 55 20.03 -1.97 0.55
CA PHE B 55 18.87 -2.32 1.38
C PHE B 55 19.22 -3.35 2.45
N ALA B 56 20.51 -3.57 2.64
CA ALA B 56 20.99 -4.65 3.52
C ALA B 56 20.74 -4.40 5.02
N GLN B 57 20.81 -3.14 5.43
CA GLN B 57 20.80 -2.75 6.83
C GLN B 57 19.92 -1.53 7.02
N PRO B 58 19.47 -1.28 8.27
CA PRO B 58 18.68 -0.07 8.48
C PRO B 58 19.39 1.20 8.04
N VAL B 59 18.65 2.16 7.52
CA VAL B 59 19.21 3.47 7.20
C VAL B 59 19.80 4.08 8.48
N SER B 60 20.99 4.67 8.36
CA SER B 60 21.64 5.28 9.53
C SER B 60 21.12 6.67 9.82
N LEU B 61 20.65 6.88 11.06
CA LEU B 61 20.20 8.21 11.47
C LEU B 61 21.37 9.16 11.61
N LYS B 62 22.56 8.62 11.88
CA LYS B 62 23.77 9.43 11.90
C LYS B 62 23.99 10.01 10.51
N GLU B 63 23.90 9.17 9.49
CA GLU B 63 24.13 9.61 8.11
C GLU B 63 22.92 10.31 7.48
N VAL B 64 21.71 9.97 7.93
CA VAL B 64 20.50 10.59 7.40
C VAL B 64 19.61 11.06 8.54
N PRO B 65 19.98 12.20 9.16
CA PRO B 65 19.33 12.66 10.38
C PRO B 65 17.83 12.93 10.21
N ASP B 66 17.37 13.23 9.00
CA ASP B 66 15.96 13.54 8.81
C ASP B 66 15.13 12.35 8.34
N TYR B 67 15.71 11.15 8.33
CA TYR B 67 15.03 10.00 7.75
C TYR B 67 13.67 9.72 8.41
N LEU B 68 13.63 9.74 9.75
CA LEU B 68 12.38 9.46 10.44
C LEU B 68 11.39 10.62 10.43
N ASP B 69 11.82 11.79 9.95
CA ASP B 69 10.87 12.88 9.70
C ASP B 69 9.84 12.45 8.67
N HIS B 70 10.28 11.59 7.74
CA HIS B 70 9.48 11.27 6.57
C HIS B 70 9.09 9.82 6.49
N ILE B 71 9.92 8.92 7.02
CA ILE B 71 9.63 7.50 6.94
C ILE B 71 9.20 6.97 8.30
N LYS B 72 7.94 6.55 8.37
CA LYS B 72 7.36 6.14 9.65
C LYS B 72 7.62 4.68 10.04
N HIS B 73 7.80 3.80 9.05
CA HIS B 73 8.13 2.40 9.32
C HIS B 73 9.33 1.89 8.51
N PRO B 74 10.54 2.16 8.99
CA PRO B 74 11.76 1.70 8.31
C PRO B 74 11.84 0.19 8.16
N MET B 75 12.44 -0.28 7.08
CA MET B 75 12.61 -1.72 6.87
C MET B 75 13.87 -1.94 6.03
N ASP B 76 14.46 -3.13 6.19
CA ASP B 76 15.68 -3.52 5.50
C ASP B 76 15.80 -5.03 5.54
N PHE B 77 16.72 -5.59 4.77
CA PHE B 77 16.81 -7.05 4.64
C PHE B 77 17.27 -7.73 5.93
N ALA B 78 18.17 -7.11 6.69
CA ALA B 78 18.62 -7.70 7.94
C ALA B 78 17.46 -7.84 8.93
N THR B 79 16.63 -6.80 9.00
CA THR B 79 15.49 -6.78 9.89
C THR B 79 14.49 -7.85 9.44
N MET B 80 14.33 -8.02 8.13
CA MET B 80 13.49 -9.11 7.64
C MET B 80 14.05 -10.47 8.01
N ARG B 81 15.36 -10.63 7.92
CA ARG B 81 15.97 -11.93 8.20
C ARG B 81 15.77 -12.28 9.68
N LYS B 82 15.88 -11.25 10.52
CA LYS B 82 15.66 -11.42 11.96
C LYS B 82 14.26 -11.92 12.24
N ARG B 83 13.27 -11.29 11.60
CA ARG B 83 11.86 -11.67 11.78
C ARG B 83 11.62 -13.08 11.26
N LEU B 84 12.15 -13.39 10.09
CA LEU B 84 12.06 -14.72 9.52
C LEU B 84 12.60 -15.81 10.42
N GLU B 85 13.83 -15.64 10.90
CA GLU B 85 14.46 -16.72 11.65
C GLU B 85 13.85 -16.86 13.02
N ALA B 86 13.16 -15.82 13.47
CA ALA B 86 12.48 -15.85 14.77
C ALA B 86 11.05 -16.38 14.68
N GLN B 87 10.68 -16.91 13.51
CA GLN B 87 9.33 -17.43 13.28
C GLN B 87 8.28 -16.31 13.31
N GLY B 88 8.66 -15.10 12.90
CA GLY B 88 7.77 -13.96 12.92
C GLY B 88 6.88 -13.73 11.71
N TYR B 89 7.08 -14.51 10.65
CA TYR B 89 6.18 -14.42 9.49
C TYR B 89 5.20 -15.59 9.50
N LYS B 90 3.92 -15.29 9.58
CA LYS B 90 2.88 -16.32 9.62
C LYS B 90 2.54 -16.84 8.23
N ASN B 91 2.74 -15.99 7.22
CA ASN B 91 2.41 -16.35 5.84
C ASN B 91 3.23 -15.52 4.86
N LEU B 92 3.13 -15.84 3.58
CA LEU B 92 3.89 -15.13 2.55
C LEU B 92 3.53 -13.66 2.47
N HIS B 93 2.25 -13.36 2.65
CA HIS B 93 1.79 -11.98 2.56
C HIS B 93 2.50 -11.08 3.57
N GLU B 94 2.68 -11.54 4.81
CA GLU B 94 3.36 -10.73 5.82
C GLU B 94 4.80 -10.42 5.39
N PHE B 95 5.42 -11.38 4.72
CA PHE B 95 6.77 -11.21 4.20
C PHE B 95 6.75 -10.19 3.04
N GLU B 96 5.81 -10.36 2.13
CA GLU B 96 5.60 -9.42 1.02
CA GLU B 96 5.63 -9.43 1.01
C GLU B 96 5.42 -7.99 1.49
N GLU B 97 4.67 -7.81 2.57
CA GLU B 97 4.43 -6.47 3.09
C GLU B 97 5.72 -5.79 3.59
N ASP B 98 6.63 -6.55 4.18
CA ASP B 98 7.91 -5.97 4.64
C ASP B 98 8.79 -5.63 3.44
N PHE B 99 8.78 -6.49 2.41
CA PHE B 99 9.55 -6.19 1.19
C PHE B 99 9.00 -4.91 0.56
N ASP B 100 7.67 -4.79 0.47
CA ASP B 100 7.10 -3.56 -0.07
C ASP B 100 7.50 -2.33 0.74
N LEU B 101 7.63 -2.45 2.07
CA LEU B 101 8.09 -1.33 2.88
C LEU B 101 9.49 -0.88 2.45
N ILE B 102 10.39 -1.82 2.25
CA ILE B 102 11.74 -1.49 1.78
C ILE B 102 11.69 -0.63 0.52
N ILE B 103 10.93 -1.11 -0.46
CA ILE B 103 10.79 -0.46 -1.75
C ILE B 103 10.07 0.88 -1.65
N ASP B 104 8.93 0.88 -0.96
CA ASP B 104 8.13 2.09 -0.87
C ASP B 104 8.84 3.20 -0.10
N ASN B 105 9.51 2.86 0.99
CA ASN B 105 10.24 3.85 1.77
C ASN B 105 11.32 4.53 0.93
N CYS B 106 11.98 3.72 0.11
CA CYS B 106 13.06 4.23 -0.73
C CYS B 106 12.52 5.14 -1.82
N MET B 107 11.43 4.73 -2.45
CA MET B 107 10.82 5.57 -3.48
C MET B 107 10.19 6.83 -2.92
N LYS B 108 9.76 6.79 -1.66
CA LYS B 108 9.20 7.98 -1.02
CA LYS B 108 9.21 7.97 -1.00
C LYS B 108 10.29 8.97 -0.59
N TYR B 109 11.38 8.44 -0.02
CA TYR B 109 12.45 9.31 0.49
C TYR B 109 13.30 9.95 -0.61
N ASN B 110 13.58 9.19 -1.66
CA ASN B 110 14.49 9.65 -2.70
C ASN B 110 13.77 10.20 -3.93
N ALA B 111 14.38 11.19 -4.58
CA ALA B 111 13.80 11.71 -5.82
C ALA B 111 13.96 10.71 -6.96
N ARG B 112 13.09 10.77 -7.96
N ARG B 112 13.13 10.81 -7.99
CA ARG B 112 13.01 9.66 -8.92
CA ARG B 112 13.17 9.89 -9.12
C ARG B 112 14.22 9.60 -9.86
C ARG B 112 14.56 9.78 -9.73
N ASP B 113 14.79 10.76 -10.15
N ASP B 113 15.23 10.92 -9.86
CA ASP B 113 15.96 10.79 -11.01
CA ASP B 113 16.59 10.98 -10.41
C ASP B 113 17.22 10.64 -10.16
C ASP B 113 17.64 10.76 -9.33
N THR B 114 17.29 9.56 -9.39
N THR B 114 17.57 9.64 -8.62
CA THR B 114 18.42 9.25 -8.51
CA THR B 114 18.66 9.22 -7.76
C THR B 114 18.77 7.76 -8.61
C THR B 114 18.95 7.75 -8.02
N VAL B 115 19.99 7.41 -8.21
N VAL B 115 20.21 7.37 -7.87
CA VAL B 115 20.42 6.02 -8.30
CA VAL B 115 20.61 5.98 -8.04
C VAL B 115 19.70 5.10 -7.31
C VAL B 115 19.85 5.09 -7.06
N PHE B 116 19.53 5.57 -6.07
N PHE B 116 19.57 5.63 -5.87
CA PHE B 116 18.84 4.75 -5.07
CA PHE B 116 18.79 4.89 -4.86
C PHE B 116 17.36 4.54 -5.40
C PHE B 116 17.37 4.57 -5.35
N TYR B 117 16.68 5.57 -5.88
CA TYR B 117 15.29 5.37 -6.34
C TYR B 117 15.28 4.37 -7.48
N ARG B 118 16.18 4.52 -8.44
CA ARG B 118 16.18 3.59 -9.55
C ARG B 118 16.53 2.17 -9.08
N ALA B 119 17.32 2.05 -8.02
CA ALA B 119 17.62 0.71 -7.49
C ALA B 119 16.37 0.07 -6.91
N ALA B 120 15.55 0.89 -6.24
CA ALA B 120 14.29 0.37 -5.67
C ALA B 120 13.32 -0.09 -6.76
N VAL B 121 13.20 0.70 -7.81
CA VAL B 121 12.37 0.31 -8.96
C VAL B 121 12.87 -1.01 -9.58
N ARG B 122 14.19 -1.12 -9.73
CA ARG B 122 14.79 -2.34 -10.26
C ARG B 122 14.51 -3.55 -9.39
N LEU B 123 14.72 -3.39 -8.08
CA LEU B 123 14.50 -4.48 -7.14
C LEU B 123 13.00 -4.82 -7.00
N ARG B 124 12.15 -3.81 -7.09
CA ARG B 124 10.71 -4.07 -7.08
C ARG B 124 10.28 -4.95 -8.25
N ASP B 125 10.76 -4.65 -9.48
N ASP B 125 10.79 -4.66 -9.44
CA ASP B 125 10.44 -5.48 -10.67
CA ASP B 125 10.36 -5.41 -10.61
C ASP B 125 10.91 -6.89 -10.47
C ASP B 125 10.97 -6.83 -10.65
N GLN B 126 12.19 -7.00 -10.12
CA GLN B 126 12.80 -8.32 -9.98
C GLN B 126 12.12 -9.09 -8.86
N GLY B 127 11.87 -8.40 -7.75
CA GLY B 127 11.23 -9.00 -6.61
C GLY B 127 9.81 -9.46 -6.86
N GLY B 128 9.08 -8.71 -7.70
CA GLY B 128 7.72 -9.07 -8.01
C GLY B 128 7.67 -10.44 -8.67
N VAL B 129 8.63 -10.70 -9.54
CA VAL B 129 8.67 -12.01 -10.21
C VAL B 129 9.00 -13.11 -9.22
N VAL B 130 9.99 -12.87 -8.36
CA VAL B 130 10.35 -13.86 -7.35
C VAL B 130 9.16 -14.17 -6.44
N LEU B 131 8.43 -13.13 -6.06
CA LEU B 131 7.32 -13.30 -5.12
C LEU B 131 6.12 -13.96 -5.79
N ARG B 132 5.91 -13.71 -7.08
CA ARG B 132 4.82 -14.41 -7.76
C ARG B 132 5.11 -15.90 -7.87
N GLN B 133 6.39 -16.25 -8.04
CA GLN B 133 6.81 -17.64 -8.09
C GLN B 133 6.68 -18.25 -6.69
N ALA B 134 6.96 -17.46 -5.66
CA ALA B 134 6.79 -17.94 -4.29
C ALA B 134 5.33 -18.27 -4.02
N ARG B 135 4.42 -17.46 -4.56
CA ARG B 135 2.99 -17.72 -4.37
C ARG B 135 2.59 -19.04 -5.04
N ARG B 136 3.15 -19.29 -6.21
CA ARG B 136 2.92 -20.58 -6.90
C ARG B 136 3.41 -21.74 -6.03
N GLU B 137 4.52 -21.54 -5.36
CA GLU B 137 5.09 -22.60 -4.51
C GLU B 137 4.25 -22.80 -3.25
N VAL B 138 3.74 -21.70 -2.70
CA VAL B 138 2.82 -21.78 -1.56
C VAL B 138 1.62 -22.65 -1.92
N ASP B 139 1.06 -22.44 -3.10
CA ASP B 139 -0.12 -23.20 -3.52
C ASP B 139 0.21 -24.67 -3.81
N SER B 140 1.33 -24.90 -4.46
CA SER B 140 1.78 -26.25 -4.80
C SER B 140 2.10 -27.08 -3.56
N ILE B 141 2.78 -26.45 -2.61
CA ILE B 141 3.20 -27.15 -1.38
C ILE B 141 2.04 -27.33 -0.40
N GLY B 142 1.05 -26.44 -0.49
CA GLY B 142 -0.12 -26.46 0.38
C GLY B 142 0.07 -25.77 1.72
N LEU B 143 0.76 -24.63 1.70
CA LEU B 143 1.18 -23.97 2.93
C LEU B 143 0.08 -23.17 3.62
N GLU B 144 -0.97 -22.83 2.88
CA GLU B 144 -2.08 -22.08 3.46
C GLU B 144 -3.38 -22.87 3.53
#